data_5O4D
#
_entry.id   5O4D
#
_entity_poly.entity_id   1
_entity_poly.type   'polydeoxyribonucleotide'
_entity_poly.pdbx_seq_one_letter_code
;(DG)(DG)(DG)(DT)(DA)(DG)(DG)(DG)(DC)(DA)(DG)(DG)(DG)(DG)(DA)(DC)(DA)(DC)(DA)(DG)
(DG)(DG)(DT)
;
_entity_poly.pdbx_strand_id   A
#
loop_
_chem_comp.id
_chem_comp.type
_chem_comp.name
_chem_comp.formula
DA DNA linking 2'-DEOXYADENOSINE-5'-MONOPHOSPHATE 'C10 H14 N5 O6 P'
DC DNA linking 2'-DEOXYCYTIDINE-5'-MONOPHOSPHATE 'C9 H14 N3 O7 P'
DG DNA linking 2'-DEOXYGUANOSINE-5'-MONOPHOSPHATE 'C10 H14 N5 O7 P'
DT DNA linking THYMIDINE-5'-MONOPHOSPHATE 'C10 H15 N2 O8 P'
#